data_6N3K
#
_entry.id   6N3K
#
_cell.length_a   50.073
_cell.length_b   77.276
_cell.length_c   87.103
_cell.angle_alpha   90.000
_cell.angle_beta   90.000
_cell.angle_gamma   90.000
#
_symmetry.space_group_name_H-M   'P 2 21 21'
#
loop_
_entity.id
_entity.type
_entity.pdbx_description
1 polymer 'Epoxide hydrolase'
2 non-polymer "N-{cis-4-[(2,6-difluorophenyl)methoxy]cyclohexyl}-N'-(3-phenylpropyl)urea"
3 water water
#
_entity_poly.entity_id   1
_entity_poly.type   'polypeptide(L)'
_entity_poly.pdbx_seq_one_letter_code
;MDTSKLKPNDPRVKYETKQIRGKTYSYILGEPAGPKLETVVLVHGWPDMAFGWRHQIPYLMSLGFQVVAPNMLGYAGTDA
PRDLSQFTLKSVSADIAELARSFVGQDGQIVLGGHDWGGAVVWRTAYYHPELVKAVFSVCTPLHPLSAEYKPLEDIVAAG
HMLNFKYQLQLKGPDVEARIQGKDMLRRFFRAMFGGRGPNGEAGFSTSDGVHFDVLDKIGAPPLLDEQELEYYVEQYALQ
EAPELRGPLNWYRTRELNAKDEMDRAKNGPPLRFEMPALFVAASKDNALPPAMSKGMDAFYKDLTRAEVDATHWALTQAG
DEVNRVIGEWLNKALG
;
_entity_poly.pdbx_strand_id   A
#
# COMPACT_ATOMS: atom_id res chain seq x y z
N MET A 1 -19.74 11.10 -16.29
CA MET A 1 -19.34 10.79 -14.92
C MET A 1 -18.31 11.77 -14.35
N ASP A 2 -18.50 12.16 -13.08
CA ASP A 2 -17.54 13.01 -12.37
C ASP A 2 -16.28 12.20 -12.05
N THR A 3 -15.14 12.61 -12.60
CA THR A 3 -13.89 11.88 -12.44
C THR A 3 -12.94 12.55 -11.45
N SER A 4 -13.37 13.58 -10.75
CA SER A 4 -12.53 14.16 -9.73
C SER A 4 -12.31 13.17 -8.58
N LYS A 5 -11.30 13.46 -7.76
CA LYS A 5 -10.94 12.57 -6.66
C LYS A 5 -12.11 12.36 -5.71
N LEU A 6 -12.16 11.17 -5.09
CA LEU A 6 -13.14 10.90 -4.05
C LEU A 6 -13.01 11.89 -2.91
N LYS A 7 -14.15 12.37 -2.41
CA LYS A 7 -14.21 13.11 -1.16
C LYS A 7 -14.54 12.16 -0.02
N PRO A 8 -14.26 12.56 1.24
CA PRO A 8 -14.69 11.72 2.37
C PRO A 8 -16.16 11.37 2.25
N ASN A 9 -16.46 10.08 2.23
CA ASN A 9 -17.84 9.58 2.08
C ASN A 9 -18.44 9.99 0.74
N ASP A 10 -17.64 9.87 -0.31
CA ASP A 10 -18.12 10.18 -1.64
C ASP A 10 -19.29 9.28 -1.98
N PRO A 11 -20.36 9.81 -2.58
CA PRO A 11 -21.50 8.98 -2.96
C PRO A 11 -21.36 8.27 -4.30
N ARG A 12 -20.27 8.47 -5.02
CA ARG A 12 -20.08 7.74 -6.27
C ARG A 12 -19.62 6.31 -6.04
N VAL A 13 -19.34 5.93 -4.80
CA VAL A 13 -18.81 4.61 -4.49
C VAL A 13 -19.60 4.05 -3.31
N LYS A 14 -19.39 2.77 -3.03
CA LYS A 14 -20.02 2.04 -1.94
C LYS A 14 -18.99 1.61 -0.91
N TYR A 15 -19.43 1.50 0.33
CA TYR A 15 -18.54 1.15 1.43
C TYR A 15 -19.10 -0.11 2.08
N GLU A 16 -18.37 -1.22 1.96
CA GLU A 16 -18.92 -2.54 2.31
C GLU A 16 -17.88 -3.37 3.08
N THR A 17 -18.37 -4.38 3.78
CA THR A 17 -17.51 -5.38 4.39
C THR A 17 -17.87 -6.76 3.86
N LYS A 18 -16.86 -7.62 3.84
CA LYS A 18 -17.05 -9.06 3.64
C LYS A 18 -16.15 -9.80 4.62
N GLN A 19 -16.62 -10.97 5.05
CA GLN A 19 -15.76 -11.91 5.75
C GLN A 19 -14.75 -12.47 4.77
N ILE A 20 -13.46 -12.33 5.10
CA ILE A 20 -12.39 -12.79 4.22
C ILE A 20 -11.39 -13.57 5.06
N ARG A 21 -11.27 -14.87 4.77
CA ARG A 21 -10.34 -15.78 5.42
C ARG A 21 -10.30 -15.55 6.92
N GLY A 22 -11.46 -15.38 7.55
CA GLY A 22 -11.55 -15.28 8.98
C GLY A 22 -11.60 -13.87 9.53
N LYS A 23 -11.46 -12.85 8.69
CA LYS A 23 -11.41 -11.46 9.13
C LYS A 23 -12.51 -10.69 8.43
N THR A 24 -13.05 -9.68 9.11
CA THR A 24 -13.84 -8.68 8.43
C THR A 24 -12.91 -7.76 7.64
N TYR A 25 -13.19 -7.60 6.35
CA TYR A 25 -12.45 -6.72 5.46
C TYR A 25 -13.41 -5.66 4.99
N SER A 26 -13.07 -4.40 5.25
CA SER A 26 -13.83 -3.29 4.70
C SER A 26 -13.19 -2.85 3.41
N TYR A 27 -14.00 -2.27 2.53
CA TYR A 27 -13.46 -1.87 1.25
C TYR A 27 -14.34 -0.80 0.62
N ILE A 28 -13.75 -0.11 -0.34
CA ILE A 28 -14.48 0.78 -1.24
C ILE A 28 -14.77 -0.01 -2.49
N LEU A 29 -15.99 0.08 -2.98
CA LEU A 29 -16.39 -0.56 -4.23
C LEU A 29 -16.92 0.51 -5.17
N GLY A 30 -16.29 0.64 -6.34
CA GLY A 30 -16.77 1.53 -7.38
C GLY A 30 -17.19 0.77 -8.63
N GLU A 31 -18.40 0.98 -9.07
CA GLU A 31 -18.89 0.26 -10.24
C GLU A 31 -18.48 0.96 -11.52
N PRO A 32 -18.33 0.22 -12.62
CA PRO A 32 -17.78 0.81 -13.84
C PRO A 32 -18.78 1.72 -14.55
N ALA A 33 -18.22 2.57 -15.39
CA ALA A 33 -18.98 3.34 -16.38
C ALA A 33 -18.85 2.62 -17.70
N GLY A 34 -19.98 2.14 -18.22
CA GLY A 34 -20.00 1.30 -19.40
C GLY A 34 -19.85 -0.14 -19.00
N PRO A 35 -19.99 -1.06 -19.96
CA PRO A 35 -19.81 -2.48 -19.66
C PRO A 35 -18.44 -2.73 -19.03
N LYS A 36 -18.43 -3.57 -17.99
CA LYS A 36 -17.22 -3.83 -17.21
C LYS A 36 -16.13 -4.44 -18.08
N LEU A 37 -14.95 -3.78 -18.11
CA LEU A 37 -13.80 -4.36 -18.78
C LEU A 37 -13.11 -5.39 -17.90
N GLU A 38 -12.68 -4.97 -16.72
CA GLU A 38 -12.05 -5.84 -15.75
C GLU A 38 -12.47 -5.36 -14.39
N THR A 39 -12.21 -6.19 -13.39
CA THR A 39 -12.23 -5.72 -12.01
C THR A 39 -10.80 -5.39 -11.61
N VAL A 40 -10.62 -4.23 -10.99
CA VAL A 40 -9.31 -3.78 -10.52
C VAL A 40 -9.32 -3.80 -8.99
N VAL A 41 -8.35 -4.48 -8.39
CA VAL A 41 -8.16 -4.46 -6.93
C VAL A 41 -6.94 -3.60 -6.62
N LEU A 42 -7.11 -2.65 -5.70
CA LEU A 42 -6.09 -1.65 -5.36
C LEU A 42 -5.69 -1.81 -3.90
N VAL A 43 -4.38 -1.86 -3.64
CA VAL A 43 -3.85 -2.18 -2.30
C VAL A 43 -2.99 -1.02 -1.81
N HIS A 44 -3.43 -0.36 -0.73
CA HIS A 44 -2.68 0.73 -0.11
C HIS A 44 -1.56 0.21 0.82
N GLY A 45 -0.75 1.16 1.32
CA GLY A 45 0.33 0.88 2.23
C GLY A 45 0.24 1.69 3.51
N TRP A 46 1.41 1.99 4.08
CA TRP A 46 1.49 2.59 5.42
C TRP A 46 1.96 4.04 5.35
N PRO A 47 1.32 4.92 6.14
CA PRO A 47 0.09 4.75 6.92
C PRO A 47 -1.08 5.34 6.14
N ASP A 48 -1.62 4.54 5.22
CA ASP A 48 -2.67 4.97 4.31
C ASP A 48 -3.94 4.16 4.57
N MET A 49 -4.88 4.21 3.62
CA MET A 49 -6.06 3.38 3.65
C MET A 49 -6.63 3.40 2.24
N ALA A 50 -7.76 2.69 2.04
CA ALA A 50 -8.36 2.63 0.73
C ALA A 50 -8.50 4.01 0.11
N PHE A 51 -8.96 4.98 0.90
CA PHE A 51 -9.13 6.37 0.46
C PHE A 51 -7.85 6.96 -0.13
N GLY A 52 -6.68 6.37 0.16
CA GLY A 52 -5.45 6.82 -0.48
C GLY A 52 -5.45 6.65 -1.99
N TRP A 53 -6.36 5.83 -2.53
CA TRP A 53 -6.58 5.68 -3.95
C TRP A 53 -7.63 6.63 -4.49
N ARG A 54 -7.87 7.76 -3.79
CA ARG A 54 -9.03 8.59 -4.12
C ARG A 54 -8.92 9.19 -5.52
N HIS A 55 -7.70 9.37 -6.04
CA HIS A 55 -7.59 9.86 -7.41
C HIS A 55 -7.83 8.74 -8.43
N GLN A 56 -7.38 7.51 -8.12
CA GLN A 56 -7.43 6.43 -9.08
C GLN A 56 -8.82 5.81 -9.20
N ILE A 57 -9.58 5.73 -8.10
CA ILE A 57 -10.85 5.02 -8.06
C ILE A 57 -11.88 5.62 -9.02
N PRO A 58 -12.21 6.91 -8.96
CA PRO A 58 -13.18 7.44 -9.94
C PRO A 58 -12.65 7.37 -11.36
N TYR A 59 -11.35 7.58 -11.53
CA TYR A 59 -10.75 7.50 -12.84
C TYR A 59 -10.95 6.11 -13.44
N LEU A 60 -10.53 5.06 -12.71
CA LEU A 60 -10.66 3.70 -13.25
C LEU A 60 -12.12 3.35 -13.52
N MET A 61 -13.03 3.80 -12.66
CA MET A 61 -14.46 3.67 -12.93
C MET A 61 -14.83 4.29 -14.27
N SER A 62 -14.43 5.55 -14.49
CA SER A 62 -14.68 6.25 -15.74
C SER A 62 -14.07 5.56 -16.93
N LEU A 63 -13.07 4.71 -16.72
CA LEU A 63 -12.48 3.92 -17.79
C LEU A 63 -13.23 2.62 -18.04
N GLY A 64 -14.27 2.33 -17.27
CA GLY A 64 -14.99 1.09 -17.44
C GLY A 64 -14.57 -0.07 -16.55
N PHE A 65 -13.81 0.19 -15.49
CA PHE A 65 -13.38 -0.85 -14.56
C PHE A 65 -14.23 -0.84 -13.28
N GLN A 66 -14.53 -2.03 -12.79
CA GLN A 66 -14.99 -2.14 -11.41
C GLN A 66 -13.77 -2.07 -10.51
N VAL A 67 -13.89 -1.36 -9.39
CA VAL A 67 -12.74 -1.07 -8.54
C VAL A 67 -13.06 -1.51 -7.13
N VAL A 68 -12.21 -2.39 -6.58
CA VAL A 68 -12.28 -2.84 -5.20
C VAL A 68 -11.01 -2.38 -4.50
N ALA A 69 -11.15 -1.49 -3.52
CA ALA A 69 -10.01 -0.96 -2.78
C ALA A 69 -10.20 -1.28 -1.29
N PRO A 70 -9.59 -2.34 -0.78
CA PRO A 70 -9.78 -2.66 0.64
C PRO A 70 -8.96 -1.77 1.55
N ASN A 71 -9.52 -1.51 2.72
CA ASN A 71 -8.70 -1.24 3.89
C ASN A 71 -8.02 -2.54 4.27
N MET A 72 -6.69 -2.55 4.23
CA MET A 72 -5.98 -3.80 4.44
C MET A 72 -6.00 -4.19 5.92
N LEU A 73 -5.45 -5.37 6.18
CA LEU A 73 -5.43 -5.89 7.54
C LEU A 73 -4.82 -4.87 8.50
N GLY A 74 -5.55 -4.57 9.57
CA GLY A 74 -5.11 -3.64 10.58
C GLY A 74 -5.64 -2.22 10.44
N TYR A 75 -6.29 -1.89 9.34
CA TYR A 75 -6.56 -0.50 8.98
C TYR A 75 -8.05 -0.20 9.01
N ALA A 76 -8.42 0.88 9.69
CA ALA A 76 -9.75 1.48 9.58
C ALA A 76 -10.78 0.41 9.89
N GLY A 77 -11.78 0.17 9.04
CA GLY A 77 -12.86 -0.77 9.30
C GLY A 77 -12.54 -2.25 9.15
N THR A 78 -11.34 -2.59 8.73
CA THR A 78 -10.91 -3.97 8.62
C THR A 78 -10.32 -4.43 9.94
N ASP A 79 -10.51 -5.72 10.24
CA ASP A 79 -10.01 -6.29 11.49
C ASP A 79 -8.50 -6.15 11.60
N ALA A 80 -8.02 -6.09 12.86
CA ALA A 80 -6.59 -6.06 13.19
C ALA A 80 -6.30 -7.26 14.09
N PRO A 81 -6.02 -8.41 13.51
CA PRO A 81 -5.75 -9.60 14.32
C PRO A 81 -4.53 -9.41 15.20
N ARG A 82 -4.49 -10.20 16.27
CA ARG A 82 -3.37 -10.20 17.20
C ARG A 82 -2.23 -11.08 16.69
N ASP A 83 -2.58 -12.06 15.85
CA ASP A 83 -1.66 -13.05 15.32
C ASP A 83 -0.87 -12.42 14.17
N LEU A 84 0.44 -12.23 14.37
CA LEU A 84 1.28 -11.63 13.33
C LEU A 84 1.31 -12.48 12.07
N SER A 85 1.07 -13.79 12.18
CA SER A 85 1.12 -14.61 10.97
C SER A 85 0.03 -14.19 9.99
N GLN A 86 -1.03 -13.55 10.48
CA GLN A 86 -2.05 -13.01 9.60
C GLN A 86 -1.52 -11.89 8.73
N PHE A 87 -0.38 -11.28 9.10
CA PHE A 87 0.15 -10.08 8.45
C PHE A 87 1.29 -10.37 7.47
N THR A 88 1.64 -11.63 7.22
CA THR A 88 2.67 -11.93 6.24
C THR A 88 2.18 -11.58 4.84
N LEU A 89 3.14 -11.36 3.94
CA LEU A 89 2.76 -11.05 2.56
C LEU A 89 2.01 -12.23 1.94
N LYS A 90 2.31 -13.46 2.36
CA LYS A 90 1.63 -14.63 1.84
C LYS A 90 0.18 -14.67 2.30
N SER A 91 -0.05 -14.53 3.61
CA SER A 91 -1.43 -14.57 4.09
C SER A 91 -2.25 -13.42 3.53
N VAL A 92 -1.67 -12.22 3.49
CA VAL A 92 -2.40 -11.06 2.95
C VAL A 92 -2.70 -11.27 1.48
N SER A 93 -1.79 -11.91 0.74
CA SER A 93 -2.07 -12.26 -0.66
C SER A 93 -3.27 -13.20 -0.75
N ALA A 94 -3.32 -14.20 0.13
CA ALA A 94 -4.46 -15.12 0.15
C ALA A 94 -5.74 -14.35 0.43
N ASP A 95 -5.71 -13.41 1.38
CA ASP A 95 -6.81 -12.49 1.62
C ASP A 95 -7.25 -11.81 0.33
N ILE A 96 -6.29 -11.25 -0.42
CA ILE A 96 -6.64 -10.52 -1.64
C ILE A 96 -7.18 -11.49 -2.67
N ALA A 97 -6.64 -12.70 -2.73
CA ALA A 97 -7.14 -13.68 -3.68
C ALA A 97 -8.60 -14.01 -3.40
N GLU A 98 -8.94 -14.24 -2.12
CA GLU A 98 -10.31 -14.59 -1.79
C GLU A 98 -11.26 -13.41 -2.02
N LEU A 99 -10.83 -12.21 -1.66
CA LEU A 99 -11.68 -11.04 -1.85
C LEU A 99 -11.91 -10.78 -3.34
N ALA A 100 -10.84 -10.83 -4.14
CA ALA A 100 -10.93 -10.71 -5.59
C ALA A 100 -11.96 -11.67 -6.16
N ARG A 101 -11.75 -12.96 -5.90
CA ARG A 101 -12.63 -13.98 -6.44
C ARG A 101 -14.03 -13.88 -5.87
N SER A 102 -14.21 -13.22 -4.72
CA SER A 102 -15.57 -13.02 -4.24
C SER A 102 -16.34 -12.10 -5.15
N PHE A 103 -15.66 -11.38 -6.04
CA PHE A 103 -16.32 -10.53 -7.02
C PHE A 103 -16.30 -11.12 -8.42
N VAL A 104 -15.18 -11.72 -8.84
CA VAL A 104 -15.04 -12.19 -10.21
C VAL A 104 -15.29 -13.71 -10.34
N GLY A 105 -15.69 -14.39 -9.28
CA GLY A 105 -15.78 -15.84 -9.27
C GLY A 105 -14.41 -16.50 -9.18
N GLN A 106 -14.41 -17.79 -8.81
CA GLN A 106 -13.15 -18.49 -8.60
C GLN A 106 -12.37 -18.64 -9.89
N ASP A 107 -13.06 -18.77 -11.02
CA ASP A 107 -12.46 -18.80 -12.34
C ASP A 107 -12.14 -17.40 -12.88
N GLY A 108 -12.37 -16.35 -12.11
CA GLY A 108 -12.16 -15.02 -12.62
C GLY A 108 -10.69 -14.57 -12.57
N GLN A 109 -10.46 -13.40 -13.19
CA GLN A 109 -9.17 -12.73 -13.13
C GLN A 109 -9.37 -11.25 -12.81
N ILE A 110 -8.31 -10.63 -12.31
CA ILE A 110 -8.35 -9.21 -11.93
C ILE A 110 -7.12 -8.51 -12.46
N VAL A 111 -7.23 -7.21 -12.52
CA VAL A 111 -6.10 -6.30 -12.52
C VAL A 111 -5.82 -5.98 -11.07
N LEU A 112 -4.53 -5.93 -10.70
CA LEU A 112 -4.11 -5.76 -9.31
C LEU A 112 -3.08 -4.63 -9.23
N GLY A 113 -3.35 -3.64 -8.38
CA GLY A 113 -2.45 -2.52 -8.23
C GLY A 113 -2.13 -2.24 -6.76
N GLY A 114 -0.91 -1.77 -6.54
CA GLY A 114 -0.41 -1.60 -5.18
C GLY A 114 0.52 -0.41 -5.05
N HIS A 115 0.65 0.06 -3.81
CA HIS A 115 1.52 1.19 -3.46
C HIS A 115 2.11 0.97 -2.09
N ASP A 116 3.41 1.27 -1.95
CA ASP A 116 4.09 1.15 -0.64
C ASP A 116 4.05 -0.32 -0.22
N TRP A 117 3.61 -0.64 1.00
CA TRP A 117 3.44 -2.02 1.39
C TRP A 117 2.52 -2.76 0.44
N GLY A 118 1.51 -2.05 -0.09
CA GLY A 118 0.61 -2.65 -1.06
C GLY A 118 1.32 -3.08 -2.32
N GLY A 119 2.30 -2.31 -2.76
CA GLY A 119 3.11 -2.73 -3.89
C GLY A 119 3.81 -4.04 -3.62
N ALA A 120 4.43 -4.17 -2.45
CA ALA A 120 5.05 -5.44 -2.09
C ALA A 120 4.04 -6.57 -2.12
N VAL A 121 2.83 -6.31 -1.63
CA VAL A 121 1.78 -7.31 -1.57
C VAL A 121 1.41 -7.77 -2.98
N VAL A 122 1.24 -6.84 -3.93
CA VAL A 122 0.70 -7.27 -5.21
C VAL A 122 1.72 -8.06 -6.02
N TRP A 123 3.01 -7.74 -5.88
CA TRP A 123 4.00 -8.61 -6.52
C TRP A 123 3.89 -10.03 -5.96
N ARG A 124 3.87 -10.15 -4.63
CA ARG A 124 3.71 -11.47 -4.02
C ARG A 124 2.39 -12.10 -4.42
N THR A 125 1.31 -11.32 -4.45
CA THR A 125 0.03 -11.87 -4.85
C THR A 125 0.12 -12.39 -6.28
N ALA A 126 0.79 -11.65 -7.16
CA ALA A 126 0.94 -12.13 -8.54
C ALA A 126 1.82 -13.36 -8.61
N TYR A 127 2.71 -13.52 -7.63
CA TYR A 127 3.57 -14.69 -7.58
C TYR A 127 2.84 -15.90 -7.00
N TYR A 128 2.01 -15.70 -5.96
CA TYR A 128 1.32 -16.80 -5.32
C TYR A 128 0.03 -17.22 -6.03
N HIS A 129 -0.57 -16.33 -6.81
CA HIS A 129 -1.83 -16.62 -7.50
C HIS A 129 -1.73 -16.10 -8.93
N PRO A 130 -0.92 -16.73 -9.76
CA PRO A 130 -0.89 -16.32 -11.17
C PRO A 130 -2.18 -16.70 -11.92
N GLU A 131 -2.93 -17.72 -11.46
CA GLU A 131 -4.24 -17.96 -12.06
C GLU A 131 -5.12 -16.71 -11.99
N LEU A 132 -4.96 -15.89 -10.95
CA LEU A 132 -5.90 -14.82 -10.70
C LEU A 132 -5.50 -13.50 -11.34
N VAL A 133 -4.22 -13.21 -11.42
CA VAL A 133 -3.75 -11.86 -11.68
C VAL A 133 -3.41 -11.77 -13.16
N LYS A 134 -4.29 -11.09 -13.89
CA LYS A 134 -4.17 -10.88 -15.33
C LYS A 134 -3.17 -9.78 -15.66
N ALA A 135 -3.04 -8.80 -14.78
CA ALA A 135 -2.12 -7.70 -14.96
C ALA A 135 -1.86 -7.12 -13.59
N VAL A 136 -0.65 -6.62 -13.36
CA VAL A 136 -0.27 -6.15 -12.04
C VAL A 136 0.61 -4.92 -12.16
N PHE A 137 0.30 -3.88 -11.38
CA PHE A 137 1.17 -2.72 -11.33
C PHE A 137 1.49 -2.36 -9.88
N SER A 138 2.58 -1.63 -9.72
CA SER A 138 2.99 -1.15 -8.42
C SER A 138 3.50 0.28 -8.58
N VAL A 139 3.05 1.15 -7.68
CA VAL A 139 3.53 2.53 -7.60
C VAL A 139 4.53 2.60 -6.45
N CYS A 140 5.70 3.18 -6.73
CA CYS A 140 6.82 3.35 -5.78
C CYS A 140 7.57 2.06 -5.44
N THR A 141 6.86 0.96 -5.13
CA THR A 141 7.52 -0.23 -4.55
C THR A 141 8.04 -1.14 -5.66
N PRO A 142 9.34 -1.36 -5.76
CA PRO A 142 9.86 -2.32 -6.73
C PRO A 142 9.81 -3.74 -6.17
N LEU A 143 10.11 -4.70 -7.03
CA LEU A 143 10.15 -6.09 -6.60
C LEU A 143 11.37 -6.33 -5.72
N HIS A 144 11.16 -7.07 -4.63
CA HIS A 144 12.33 -7.55 -3.95
C HIS A 144 12.39 -9.07 -4.07
N PRO A 145 13.59 -9.65 -4.08
CA PRO A 145 13.70 -11.10 -4.33
C PRO A 145 13.13 -11.93 -3.18
N LEU A 146 12.91 -13.20 -3.48
CA LEU A 146 12.54 -14.15 -2.43
C LEU A 146 13.65 -14.22 -1.39
N SER A 147 13.33 -13.97 -0.13
CA SER A 147 14.32 -14.01 0.93
C SER A 147 14.97 -15.37 1.02
N ALA A 148 16.28 -15.42 0.82
CA ALA A 148 17.01 -16.68 0.92
C ALA A 148 17.59 -16.92 2.32
N GLU A 149 17.55 -15.93 3.20
CA GLU A 149 17.98 -16.11 4.58
C GLU A 149 17.35 -15.01 5.42
N TYR A 150 17.44 -15.17 6.73
CA TYR A 150 16.90 -14.16 7.64
C TYR A 150 18.02 -13.51 8.42
N LYS A 151 18.09 -12.18 8.34
CA LYS A 151 19.00 -11.37 9.12
C LYS A 151 18.17 -10.30 9.81
N PRO A 152 18.33 -10.09 11.12
CA PRO A 152 17.58 -9.02 11.79
C PRO A 152 17.98 -7.67 11.21
N LEU A 153 16.97 -6.80 11.05
CA LEU A 153 17.23 -5.49 10.46
C LEU A 153 18.19 -4.66 11.34
N GLU A 154 18.17 -4.87 12.67
CA GLU A 154 19.14 -4.21 13.54
C GLU A 154 20.56 -4.47 13.07
N ASP A 155 20.89 -5.75 12.87
CA ASP A 155 22.22 -6.12 12.40
C ASP A 155 22.46 -5.62 11.00
N ILE A 156 21.41 -5.48 10.19
CA ILE A 156 21.57 -4.99 8.84
C ILE A 156 21.96 -3.52 8.85
N VAL A 157 21.20 -2.69 9.57
CA VAL A 157 21.52 -1.26 9.58
C VAL A 157 22.78 -0.99 10.41
N ALA A 158 23.08 -1.85 11.39
CA ALA A 158 24.31 -1.67 12.16
C ALA A 158 25.54 -1.87 11.30
N ALA A 159 25.44 -2.67 10.26
CA ALA A 159 26.52 -2.81 9.29
C ALA A 159 26.50 -1.71 8.23
N GLY A 160 25.53 -0.81 8.28
CA GLY A 160 25.45 0.28 7.31
C GLY A 160 24.57 0.03 6.10
N HIS A 161 23.77 -1.04 6.08
CA HIS A 161 22.97 -1.40 4.91
C HIS A 161 21.51 -1.03 5.12
N MET A 162 20.80 -0.86 4.00
CA MET A 162 19.37 -0.59 4.01
C MET A 162 19.06 0.57 4.94
N LEU A 163 19.92 1.60 4.92
CA LEU A 163 19.78 2.71 5.85
C LEU A 163 18.48 3.46 5.62
N ASN A 164 17.96 3.44 4.38
CA ASN A 164 16.67 4.03 4.05
C ASN A 164 15.49 3.30 4.67
N PHE A 165 15.73 2.19 5.36
CA PHE A 165 14.69 1.42 6.05
C PHE A 165 14.79 1.46 7.57
N LYS A 166 15.77 2.19 8.13
CA LYS A 166 16.01 2.11 9.57
C LYS A 166 14.83 2.63 10.38
N TYR A 167 14.02 3.51 9.81
CA TYR A 167 12.79 3.96 10.47
C TYR A 167 11.89 2.79 10.88
N GLN A 168 12.01 1.64 10.20
CA GLN A 168 11.14 0.52 10.50
C GLN A 168 11.47 -0.12 11.85
N LEU A 169 12.66 0.14 12.38
CA LEU A 169 13.00 -0.34 13.72
C LEU A 169 12.10 0.30 14.75
N GLN A 170 12.00 1.64 14.72
CA GLN A 170 11.06 2.31 15.61
C GLN A 170 9.65 1.81 15.38
N LEU A 171 9.25 1.67 14.11
CA LEU A 171 7.86 1.30 13.82
C LEU A 171 7.52 -0.05 14.41
N LYS A 172 8.41 -1.03 14.29
CA LYS A 172 8.09 -2.35 14.84
C LYS A 172 8.11 -2.35 16.36
N GLY A 173 8.77 -1.37 16.99
CA GLY A 173 8.90 -1.32 18.42
C GLY A 173 7.65 -0.81 19.11
N PRO A 174 7.78 -0.44 20.39
CA PRO A 174 6.62 0.05 21.16
C PRO A 174 6.37 1.55 21.09
N ASP A 175 7.32 2.35 20.62
CA ASP A 175 7.24 3.80 20.83
C ASP A 175 6.07 4.41 20.06
N VAL A 176 5.95 4.13 18.77
CA VAL A 176 4.87 4.75 17.99
C VAL A 176 3.53 4.24 18.46
N GLU A 177 3.40 2.92 18.63
CA GLU A 177 2.14 2.36 19.11
C GLU A 177 1.72 2.96 20.43
N ALA A 178 2.65 3.10 21.38
CA ALA A 178 2.28 3.56 22.71
C ALA A 178 1.93 5.04 22.71
N ARG A 179 2.62 5.84 21.90
CA ARG A 179 2.47 7.29 21.95
C ARG A 179 1.35 7.81 21.09
N ILE A 180 1.09 7.20 19.93
CA ILE A 180 0.13 7.77 18.96
C ILE A 180 -1.20 7.07 19.22
N GLN A 181 -1.86 7.51 20.29
CA GLN A 181 -3.19 7.00 20.63
C GLN A 181 -4.16 8.15 20.72
N GLY A 182 -5.41 7.89 20.36
CA GLY A 182 -6.40 8.94 20.34
C GLY A 182 -6.28 9.85 19.14
N LYS A 183 -7.37 10.57 18.86
CA LYS A 183 -7.48 11.36 17.63
C LYS A 183 -6.55 12.55 17.65
N ASP A 184 -6.35 13.15 18.83
CA ASP A 184 -5.44 14.28 18.94
C ASP A 184 -4.04 13.91 18.45
N MET A 185 -3.50 12.79 18.94
CA MET A 185 -2.18 12.37 18.49
C MET A 185 -2.21 11.89 17.04
N LEU A 186 -3.28 11.19 16.64
CA LEU A 186 -3.37 10.72 15.25
C LEU A 186 -3.37 11.90 14.29
N ARG A 187 -4.09 12.97 14.63
CA ARG A 187 -4.06 14.15 13.78
C ARG A 187 -2.63 14.66 13.58
N ARG A 188 -1.88 14.83 14.69
CA ARG A 188 -0.49 15.25 14.59
C ARG A 188 0.33 14.27 13.77
N PHE A 189 0.20 12.98 14.06
CA PHE A 189 0.87 11.95 13.29
C PHE A 189 0.63 12.15 11.79
N PHE A 190 -0.63 12.37 11.38
CA PHE A 190 -0.88 12.46 9.95
C PHE A 190 -0.32 13.75 9.34
N ARG A 191 -0.41 14.87 10.07
CA ARG A 191 0.28 16.08 9.63
C ARG A 191 1.77 15.80 9.42
N ALA A 192 2.38 15.03 10.32
CA ALA A 192 3.78 14.65 10.15
C ALA A 192 3.98 13.77 8.91
N MET A 193 3.15 12.73 8.78
CA MET A 193 3.38 11.73 7.74
C MET A 193 3.15 12.28 6.35
N PHE A 194 2.29 13.29 6.21
CA PHE A 194 1.96 13.88 4.92
C PHE A 194 2.62 15.25 4.71
N GLY A 195 3.76 15.48 5.38
CA GLY A 195 4.69 16.51 4.96
C GLY A 195 4.69 17.80 5.74
N GLY A 196 3.82 17.97 6.73
CA GLY A 196 3.88 19.15 7.56
C GLY A 196 5.21 19.29 8.27
N ARG A 197 5.54 20.54 8.63
CA ARG A 197 6.82 20.91 9.20
C ARG A 197 6.62 21.83 10.39
N GLY A 198 7.66 21.94 11.21
CA GLY A 198 7.62 22.81 12.37
C GLY A 198 8.20 24.20 12.12
N PRO A 199 8.14 25.06 13.14
CA PRO A 199 8.56 26.45 12.97
C PRO A 199 10.00 26.62 12.54
N ASN A 200 10.84 25.60 12.67
CA ASN A 200 12.20 25.65 12.14
C ASN A 200 12.40 24.56 11.11
N GLY A 201 11.33 24.18 10.42
CA GLY A 201 11.42 23.15 9.41
C GLY A 201 11.64 21.76 9.95
N GLU A 202 11.36 21.53 11.24
CA GLU A 202 11.49 20.19 11.80
C GLU A 202 10.50 19.27 11.10
N ALA A 203 11.01 18.14 10.60
CA ALA A 203 10.17 17.11 10.03
C ALA A 203 9.60 16.22 11.13
N GLY A 204 8.31 15.87 10.99
CA GLY A 204 7.67 14.94 11.90
C GLY A 204 7.99 13.49 11.67
N PHE A 205 8.69 13.18 10.58
CA PHE A 205 9.01 11.81 10.21
C PHE A 205 10.24 11.84 9.32
N SER A 206 11.13 10.86 9.49
CA SER A 206 12.30 10.73 8.64
C SER A 206 12.55 9.25 8.41
N THR A 207 13.18 8.92 7.29
CA THR A 207 13.47 7.50 7.04
C THR A 207 14.57 6.97 7.98
N SER A 208 15.31 7.87 8.63
CA SER A 208 16.35 7.48 9.57
C SER A 208 15.79 7.06 10.92
N ASP A 209 14.94 7.91 11.52
CA ASP A 209 14.50 7.74 12.91
C ASP A 209 13.00 7.48 13.05
N GLY A 210 12.21 7.60 11.98
CA GLY A 210 10.78 7.40 12.10
C GLY A 210 10.01 8.62 12.55
N VAL A 211 9.01 8.44 13.40
CA VAL A 211 8.25 9.58 13.91
C VAL A 211 9.10 10.37 14.90
N HIS A 212 9.20 11.67 14.69
CA HIS A 212 9.91 12.55 15.62
C HIS A 212 8.88 13.07 16.62
N PHE A 213 8.69 12.30 17.71
CA PHE A 213 7.61 12.60 18.65
C PHE A 213 7.70 14.04 19.18
N ASP A 214 8.92 14.54 19.40
CA ASP A 214 9.14 15.87 19.95
C ASP A 214 8.69 16.98 19.01
N VAL A 215 8.55 16.69 17.72
CA VAL A 215 8.15 17.66 16.71
C VAL A 215 6.62 17.78 16.56
N LEU A 216 5.87 16.75 16.93
CA LEU A 216 4.45 16.66 16.60
C LEU A 216 3.64 17.82 17.17
N ASP A 217 4.12 18.42 18.26
CA ASP A 217 3.41 19.54 18.89
C ASP A 217 3.45 20.79 18.03
N LYS A 218 4.51 21.00 17.27
CA LYS A 218 4.69 22.19 16.47
C LYS A 218 4.42 21.93 15.00
N ILE A 219 3.91 20.75 14.65
CA ILE A 219 3.79 20.36 13.24
C ILE A 219 2.63 21.14 12.61
N GLY A 220 2.92 21.78 11.48
CA GLY A 220 1.94 22.59 10.78
C GLY A 220 1.07 21.77 9.84
N ALA A 221 0.27 22.48 9.05
CA ALA A 221 -0.63 21.79 8.15
C ALA A 221 0.19 21.03 7.09
N PRO A 222 -0.21 19.82 6.73
CA PRO A 222 0.51 19.08 5.71
C PRO A 222 0.16 19.61 4.33
N PRO A 223 1.14 19.72 3.43
CA PRO A 223 0.83 20.15 2.06
C PRO A 223 0.08 19.10 1.26
N LEU A 224 0.17 17.83 1.62
CA LEU A 224 -0.31 16.76 0.77
C LEU A 224 -1.67 16.22 1.18
N LEU A 225 -2.35 16.88 2.12
CA LEU A 225 -3.74 16.60 2.44
C LEU A 225 -4.45 17.91 2.72
N ASP A 226 -5.72 18.01 2.33
CA ASP A 226 -6.50 19.14 2.80
C ASP A 226 -7.13 18.81 4.16
N GLU A 227 -7.74 19.82 4.78
CA GLU A 227 -8.20 19.68 6.15
C GLU A 227 -9.23 18.56 6.30
N GLN A 228 -10.20 18.45 5.39
CA GLN A 228 -11.21 17.41 5.56
C GLN A 228 -10.64 16.03 5.26
N GLU A 229 -9.71 15.92 4.32
CA GLU A 229 -9.01 14.65 4.13
C GLU A 229 -8.27 14.25 5.41
N LEU A 230 -7.51 15.18 6.01
CA LEU A 230 -6.82 14.91 7.28
C LEU A 230 -7.78 14.38 8.33
N GLU A 231 -8.91 15.06 8.51
CA GLU A 231 -9.89 14.61 9.49
C GLU A 231 -10.41 13.23 9.15
N TYR A 232 -10.55 12.94 7.86
CA TYR A 232 -11.06 11.63 7.44
C TYR A 232 -10.07 10.53 7.80
N TYR A 233 -8.77 10.76 7.59
CA TYR A 233 -7.77 9.79 8.05
C TYR A 233 -7.87 9.59 9.55
N VAL A 234 -8.06 10.68 10.30
CA VAL A 234 -8.14 10.58 11.75
C VAL A 234 -9.36 9.76 12.16
N GLU A 235 -10.52 10.13 11.62
CA GLU A 235 -11.74 9.39 11.93
C GLU A 235 -11.58 7.91 11.63
N GLN A 236 -11.07 7.58 10.44
CA GLN A 236 -11.01 6.19 10.02
C GLN A 236 -9.96 5.42 10.83
N TYR A 237 -8.79 6.01 11.05
CA TYR A 237 -7.83 5.33 11.92
C TYR A 237 -8.39 5.15 13.32
N ALA A 238 -9.24 6.07 13.77
CA ALA A 238 -9.85 5.95 15.09
C ALA A 238 -10.77 4.74 15.20
N LEU A 239 -11.15 4.12 14.07
CA LEU A 239 -12.02 2.95 14.14
C LEU A 239 -11.30 1.78 14.82
N GLN A 240 -9.99 1.73 14.72
CA GLN A 240 -9.23 0.72 15.45
C GLN A 240 -9.34 0.96 16.95
N GLU A 241 -9.33 -0.12 17.70
CA GLU A 241 -9.36 0.00 19.15
C GLU A 241 -7.98 0.38 19.66
N ALA A 242 -7.94 1.27 20.64
CA ALA A 242 -6.65 1.73 21.20
C ALA A 242 -5.81 0.55 21.65
N PRO A 243 -4.49 0.59 21.41
CA PRO A 243 -3.71 1.55 20.61
C PRO A 243 -4.01 1.44 19.11
N GLU A 244 -4.47 2.54 18.50
CA GLU A 244 -5.06 2.47 17.18
C GLU A 244 -4.06 2.04 16.11
N LEU A 245 -2.76 2.25 16.34
CA LEU A 245 -1.76 1.95 15.33
C LEU A 245 -1.20 0.54 15.43
N ARG A 246 -1.73 -0.28 16.33
CA ARG A 246 -1.21 -1.63 16.49
C ARG A 246 -1.26 -2.39 15.17
N GLY A 247 -2.44 -2.44 14.56
CA GLY A 247 -2.64 -3.16 13.32
C GLY A 247 -1.71 -2.71 12.21
N PRO A 248 -1.67 -1.41 11.93
CA PRO A 248 -0.77 -0.93 10.86
C PRO A 248 0.69 -1.19 11.15
N LEU A 249 1.14 -0.99 12.41
CA LEU A 249 2.52 -1.24 12.76
C LEU A 249 2.87 -2.73 12.71
N ASN A 250 1.87 -3.61 12.74
CA ASN A 250 2.15 -5.04 12.61
C ASN A 250 2.83 -5.38 11.29
N TRP A 251 2.61 -4.55 10.26
CA TRP A 251 3.28 -4.76 8.98
C TRP A 251 4.79 -4.65 9.07
N TYR A 252 5.32 -4.08 10.16
CA TYR A 252 6.76 -3.99 10.33
C TYR A 252 7.31 -5.05 11.27
N ARG A 253 6.48 -6.02 11.68
CA ARG A 253 6.84 -7.02 12.68
C ARG A 253 6.93 -8.43 12.10
N THR A 254 6.94 -8.55 10.77
CA THR A 254 6.83 -9.84 10.10
C THR A 254 8.08 -10.17 9.30
N ARG A 255 9.21 -9.50 9.57
CA ARG A 255 10.39 -9.74 8.76
C ARG A 255 10.80 -11.20 8.83
N GLU A 256 10.84 -11.77 10.05
CA GLU A 256 11.26 -13.16 10.20
C GLU A 256 10.21 -14.13 9.67
N LEU A 257 8.91 -13.85 9.90
CA LEU A 257 7.85 -14.71 9.35
C LEU A 257 7.84 -14.69 7.83
N ASN A 258 7.94 -13.51 7.23
CA ASN A 258 8.08 -13.41 5.78
C ASN A 258 9.33 -14.14 5.30
N ALA A 259 10.46 -13.98 6.02
CA ALA A 259 11.69 -14.65 5.61
C ALA A 259 11.51 -16.16 5.64
N LYS A 260 10.75 -16.67 6.60
CA LYS A 260 10.57 -18.11 6.71
C LYS A 260 9.71 -18.64 5.57
N ASP A 261 8.61 -17.94 5.24
CA ASP A 261 7.79 -18.33 4.09
C ASP A 261 8.62 -18.37 2.81
N GLU A 262 9.43 -17.34 2.57
CA GLU A 262 10.07 -17.17 1.27
C GLU A 262 11.39 -17.93 1.15
N MET A 263 12.08 -18.21 2.25
CA MET A 263 13.22 -19.12 2.20
C MET A 263 12.77 -20.50 1.76
N ASP A 264 11.56 -20.89 2.19
CA ASP A 264 10.93 -22.09 1.68
C ASP A 264 10.72 -22.02 0.17
N ARG A 265 10.31 -20.84 -0.35
CA ARG A 265 10.09 -20.68 -1.79
C ARG A 265 11.41 -20.62 -2.54
N ALA A 266 12.40 -19.94 -1.98
CA ALA A 266 13.72 -19.93 -2.59
C ALA A 266 14.28 -21.33 -2.71
N LYS A 267 14.00 -22.21 -1.75
CA LYS A 267 14.54 -23.56 -1.78
C LYS A 267 13.75 -24.46 -2.74
N ASN A 268 12.44 -24.58 -2.53
CA ASN A 268 11.62 -25.51 -3.28
C ASN A 268 10.62 -24.85 -4.23
N GLY A 269 10.13 -23.66 -3.90
CA GLY A 269 9.02 -23.07 -4.61
C GLY A 269 9.44 -22.73 -6.02
N PRO A 270 8.48 -22.35 -6.86
CA PRO A 270 8.80 -21.94 -8.23
C PRO A 270 9.63 -20.66 -8.23
N PRO A 271 10.29 -20.35 -9.33
CA PRO A 271 11.07 -19.11 -9.39
C PRO A 271 10.19 -17.86 -9.30
N LEU A 272 10.78 -16.78 -8.82
CA LEU A 272 10.10 -15.49 -8.81
C LEU A 272 10.05 -14.95 -10.24
N ARG A 273 8.91 -15.12 -10.89
CA ARG A 273 8.78 -14.91 -12.32
C ARG A 273 7.39 -14.36 -12.61
N PHE A 274 7.31 -13.36 -13.48
CA PHE A 274 6.03 -12.72 -13.81
C PHE A 274 5.82 -12.76 -15.32
N GLU A 275 4.88 -13.59 -15.76
CA GLU A 275 4.55 -13.74 -17.18
C GLU A 275 3.49 -12.74 -17.64
N MET A 276 2.61 -12.32 -16.73
CA MET A 276 1.55 -11.40 -17.09
C MET A 276 2.11 -9.99 -17.28
N PRO A 277 1.39 -9.13 -18.00
CA PRO A 277 1.85 -7.74 -18.16
C PRO A 277 1.95 -7.06 -16.80
N ALA A 278 3.02 -6.28 -16.63
CA ALA A 278 3.31 -5.65 -15.35
C ALA A 278 3.79 -4.23 -15.56
N LEU A 279 3.46 -3.35 -14.61
CA LEU A 279 3.83 -1.94 -14.65
C LEU A 279 4.47 -1.55 -13.32
N PHE A 280 5.59 -0.84 -13.39
CA PHE A 280 6.22 -0.25 -12.19
C PHE A 280 6.31 1.26 -12.39
N VAL A 281 5.67 2.01 -11.52
CA VAL A 281 5.71 3.47 -11.57
C VAL A 281 6.62 3.93 -10.45
N ALA A 282 7.84 4.39 -10.80
CA ALA A 282 8.77 4.93 -9.83
C ALA A 282 8.37 6.35 -9.42
N ALA A 283 8.79 6.73 -8.21
CA ALA A 283 8.62 8.08 -7.68
C ALA A 283 9.99 8.69 -7.41
N SER A 284 10.25 9.85 -8.00
CA SER A 284 11.59 10.41 -8.00
C SER A 284 12.03 10.88 -6.62
N LYS A 285 11.12 11.50 -5.86
CA LYS A 285 11.47 12.04 -4.55
C LYS A 285 11.03 11.13 -3.40
N ASP A 286 10.77 9.86 -3.69
CA ASP A 286 10.50 8.90 -2.62
C ASP A 286 11.84 8.51 -2.03
N ASN A 287 12.15 9.05 -0.85
CA ASN A 287 13.42 8.71 -0.20
C ASN A 287 13.33 7.42 0.63
N ALA A 288 12.14 6.88 0.85
CA ALA A 288 12.02 5.55 1.42
C ALA A 288 12.24 4.46 0.38
N LEU A 289 11.76 4.69 -0.85
CA LEU A 289 11.87 3.73 -1.95
C LEU A 289 12.38 4.47 -3.18
N PRO A 290 13.67 4.85 -3.20
CA PRO A 290 14.18 5.64 -4.32
C PRO A 290 14.18 4.83 -5.61
N PRO A 291 14.09 5.50 -6.77
CA PRO A 291 14.01 4.74 -8.03
C PRO A 291 15.20 3.81 -8.26
N ALA A 292 16.39 4.16 -7.80
CA ALA A 292 17.55 3.29 -7.98
C ALA A 292 17.32 1.91 -7.37
N MET A 293 16.44 1.82 -6.38
CA MET A 293 16.18 0.55 -5.71
C MET A 293 15.59 -0.49 -6.66
N SER A 294 15.09 -0.09 -7.82
CA SER A 294 14.51 -1.03 -8.77
C SER A 294 15.51 -1.58 -9.77
N LYS A 295 16.80 -1.23 -9.63
CA LYS A 295 17.80 -1.67 -10.60
C LYS A 295 17.91 -3.18 -10.59
N GLY A 296 17.86 -3.79 -11.78
CA GLY A 296 17.92 -5.23 -11.92
C GLY A 296 16.59 -5.92 -11.78
N MET A 297 15.53 -5.18 -11.47
CA MET A 297 14.22 -5.79 -11.26
C MET A 297 13.62 -6.33 -12.56
N ASP A 298 13.95 -5.70 -13.70
CA ASP A 298 13.32 -6.07 -14.96
C ASP A 298 13.60 -7.50 -15.38
N ALA A 299 14.65 -8.12 -14.84
CA ALA A 299 15.00 -9.48 -15.22
C ALA A 299 14.04 -10.52 -14.68
N PHE A 300 13.08 -10.14 -13.83
CA PHE A 300 12.11 -11.06 -13.29
C PHE A 300 10.78 -11.04 -14.03
N TYR A 301 10.68 -10.25 -15.10
CA TYR A 301 9.43 -10.03 -15.83
C TYR A 301 9.59 -10.37 -17.29
N LYS A 302 8.57 -11.00 -17.85
CA LYS A 302 8.44 -11.13 -19.30
C LYS A 302 7.96 -9.85 -19.95
N ASP A 303 7.27 -8.99 -19.20
CA ASP A 303 6.49 -7.91 -19.79
C ASP A 303 6.36 -6.76 -18.78
N LEU A 304 7.48 -6.13 -18.42
CA LEU A 304 7.47 -5.05 -17.44
C LEU A 304 7.53 -3.70 -18.15
N THR A 305 6.51 -2.88 -17.93
CA THR A 305 6.50 -1.50 -18.37
C THR A 305 6.96 -0.62 -17.23
N ARG A 306 7.90 0.28 -17.50
CA ARG A 306 8.42 1.21 -16.51
C ARG A 306 7.91 2.62 -16.79
N ALA A 307 7.54 3.33 -15.74
CA ALA A 307 7.32 4.78 -15.81
C ALA A 307 7.99 5.43 -14.61
N GLU A 308 7.87 6.75 -14.52
CA GLU A 308 8.42 7.48 -13.40
C GLU A 308 7.74 8.83 -13.33
N VAL A 309 7.23 9.18 -12.15
CA VAL A 309 6.57 10.46 -11.94
C VAL A 309 7.35 11.27 -10.92
N ASP A 310 7.41 12.58 -11.14
CA ASP A 310 8.10 13.51 -10.24
C ASP A 310 7.19 13.75 -9.05
N ALA A 311 7.49 13.10 -7.93
CA ALA A 311 6.63 13.20 -6.76
C ALA A 311 7.35 12.59 -5.58
N THR A 312 6.87 12.90 -4.39
CA THR A 312 7.35 12.24 -3.19
C THR A 312 6.75 10.84 -3.12
N HIS A 313 6.98 10.16 -2.00
CA HIS A 313 6.36 8.87 -1.76
C HIS A 313 4.86 8.90 -2.03
N TRP A 314 4.21 10.03 -1.78
CA TRP A 314 2.76 10.11 -1.91
C TRP A 314 2.35 10.42 -3.35
N ALA A 315 2.77 9.54 -4.27
CA ALA A 315 2.59 9.84 -5.68
C ALA A 315 1.15 9.65 -6.16
N LEU A 316 0.38 8.79 -5.48
CA LEU A 316 -1.00 8.55 -5.89
C LEU A 316 -1.82 9.81 -5.82
N THR A 317 -1.49 10.69 -4.87
CA THR A 317 -2.20 11.94 -4.66
C THR A 317 -1.46 13.13 -5.25
N GLN A 318 -0.18 13.29 -4.89
CA GLN A 318 0.62 14.41 -5.38
C GLN A 318 0.69 14.42 -6.91
N ALA A 319 0.81 13.24 -7.53
CA ALA A 319 0.86 13.13 -8.98
C ALA A 319 -0.28 12.26 -9.48
N GLY A 320 -1.46 12.45 -8.89
CA GLY A 320 -2.60 11.61 -9.21
C GLY A 320 -2.97 11.60 -10.68
N ASP A 321 -2.99 12.78 -11.32
CA ASP A 321 -3.42 12.83 -12.71
C ASP A 321 -2.39 12.17 -13.62
N GLU A 322 -1.12 12.35 -13.32
CA GLU A 322 -0.09 11.68 -14.10
C GLU A 322 -0.10 10.17 -13.88
N VAL A 323 -0.15 9.73 -12.61
CA VAL A 323 -0.23 8.30 -12.31
C VAL A 323 -1.42 7.67 -13.05
N ASN A 324 -2.59 8.31 -12.94
CA ASN A 324 -3.79 7.88 -13.66
C ASN A 324 -3.51 7.66 -15.14
N ARG A 325 -2.94 8.66 -15.82
CA ARG A 325 -2.69 8.51 -17.25
C ARG A 325 -1.74 7.35 -17.53
N VAL A 326 -0.70 7.18 -16.69
CA VAL A 326 0.24 6.08 -16.88
C VAL A 326 -0.48 4.73 -16.75
N ILE A 327 -1.31 4.57 -15.72
CA ILE A 327 -2.04 3.32 -15.57
C ILE A 327 -2.98 3.13 -16.75
N GLY A 328 -3.74 4.19 -17.08
CA GLY A 328 -4.71 4.09 -18.16
C GLY A 328 -4.08 3.69 -19.48
N GLU A 329 -2.96 4.32 -19.83
CA GLU A 329 -2.35 4.03 -21.13
C GLU A 329 -1.73 2.64 -21.13
N TRP A 330 -1.09 2.26 -20.03
CA TRP A 330 -0.53 0.92 -19.91
C TRP A 330 -1.62 -0.13 -19.97
N LEU A 331 -2.68 0.04 -19.17
CA LEU A 331 -3.78 -0.91 -19.19
C LEU A 331 -4.37 -1.02 -20.57
N ASN A 332 -4.59 0.12 -21.25
CA ASN A 332 -5.11 0.10 -22.59
C ASN A 332 -4.25 -0.75 -23.52
N LYS A 333 -2.93 -0.76 -23.30
CA LYS A 333 -2.09 -1.62 -24.13
C LYS A 333 -1.89 -3.01 -23.55
N ALA A 334 -1.84 -3.14 -22.22
CA ALA A 334 -1.65 -4.45 -21.61
C ALA A 334 -2.78 -5.40 -22.00
N LEU A 335 -4.02 -4.94 -21.91
CA LEU A 335 -5.18 -5.81 -22.08
C LEU A 335 -5.49 -6.10 -23.55
N GLY A 336 -4.94 -5.33 -24.49
CA GLY A 336 -5.14 -5.56 -25.91
C GLY A 336 -3.94 -6.18 -26.60
#